data_2N2F
#
_entry.id   2N2F
#
_entity_poly.entity_id   1
_entity_poly.type   'polypeptide(L)'
_entity_poly.pdbx_seq_one_letter_code
;YGGFLRRIRPKLK
;
_entity_poly.pdbx_strand_id   A
#
# COMPACT_ATOMS: atom_id res chain seq x y z
N TYR A 1 10.08 -4.54 2.34
CA TYR A 1 10.00 -3.35 1.48
C TYR A 1 8.57 -3.19 0.94
N GLY A 2 7.63 -2.89 1.83
CA GLY A 2 6.21 -2.66 1.54
C GLY A 2 5.64 -1.58 2.44
N GLY A 3 6.30 -0.42 2.51
CA GLY A 3 5.96 0.71 3.38
C GLY A 3 5.30 1.91 2.69
N PHE A 4 5.34 1.99 1.36
CA PHE A 4 4.69 3.06 0.58
C PHE A 4 3.78 2.50 -0.55
N LEU A 5 3.47 1.20 -0.53
CA LEU A 5 2.28 0.67 -1.21
C LEU A 5 0.97 1.11 -0.52
N ARG A 6 1.09 1.73 0.68
CA ARG A 6 0.10 2.57 1.38
C ARG A 6 -0.59 3.64 0.51
N ARG A 7 0.02 4.01 -0.62
CA ARG A 7 -0.56 4.87 -1.67
C ARG A 7 -1.98 4.46 -2.11
N ILE A 8 -2.36 3.20 -1.90
CA ILE A 8 -3.75 2.78 -1.71
C ILE A 8 -3.84 1.88 -0.47
N ARG A 9 -4.84 2.13 0.40
CA ARG A 9 -5.12 1.44 1.67
C ARG A 9 -3.94 1.56 2.68
N PRO A 10 -3.72 2.76 3.27
CA PRO A 10 -2.60 3.07 4.17
C PRO A 10 -2.69 2.49 5.60
N LYS A 11 -3.47 1.43 5.83
CA LYS A 11 -3.48 0.67 7.09
C LYS A 11 -3.50 -0.87 6.88
N LEU A 12 -3.21 -1.32 5.66
CA LEU A 12 -3.29 -2.73 5.23
C LEU A 12 -2.09 -3.59 5.68
N LYS A 13 -0.99 -2.96 6.14
CA LYS A 13 0.28 -3.58 6.55
C LYS A 13 1.24 -2.59 7.22
N TYR A 1 7.95 -4.10 3.75
CA TYR A 1 6.66 -4.81 3.60
C TYR A 1 5.51 -3.79 3.51
N GLY A 2 5.29 -3.24 2.31
CA GLY A 2 4.11 -2.43 1.98
C GLY A 2 4.11 -0.99 2.49
N GLY A 3 5.21 -0.50 3.08
CA GLY A 3 5.25 0.73 3.88
C GLY A 3 4.94 2.03 3.11
N PHE A 4 5.15 2.05 1.79
CA PHE A 4 4.77 3.14 0.89
C PHE A 4 3.72 2.69 -0.14
N LEU A 5 3.60 1.38 -0.41
CA LEU A 5 2.47 0.79 -1.14
C LEU A 5 1.10 1.07 -0.49
N ARG A 6 1.10 1.60 0.74
CA ARG A 6 0.05 2.43 1.35
C ARG A 6 -0.59 3.50 0.43
N ARG A 7 0.02 3.85 -0.72
CA ARG A 7 -0.54 4.71 -1.78
C ARG A 7 -1.99 4.39 -2.20
N ILE A 8 -2.49 3.20 -1.90
CA ILE A 8 -3.92 2.96 -1.64
C ILE A 8 -4.02 2.20 -0.31
N ARG A 9 -4.97 2.60 0.53
CA ARG A 9 -5.24 2.04 1.88
C ARG A 9 -4.12 2.39 2.90
N PRO A 10 -3.82 3.68 3.16
CA PRO A 10 -2.75 4.17 4.06
C PRO A 10 -3.05 4.03 5.56
N LYS A 11 -3.64 2.90 5.95
CA LYS A 11 -3.95 2.48 7.32
C LYS A 11 -4.30 0.98 7.39
N LEU A 12 -3.77 0.19 6.46
CA LEU A 12 -3.99 -1.25 6.27
C LEU A 12 -2.82 -1.89 5.49
N LYS A 13 -1.60 -1.41 5.72
CA LYS A 13 -0.35 -1.91 5.11
C LYS A 13 0.87 -1.66 5.98
N TYR A 1 1.45 -5.90 3.50
CA TYR A 1 2.89 -5.76 3.25
C TYR A 1 3.12 -4.66 2.20
N GLY A 2 3.11 -3.40 2.65
CA GLY A 2 3.04 -2.23 1.79
C GLY A 2 3.49 -0.94 2.46
N GLY A 3 4.74 -0.87 2.90
CA GLY A 3 5.30 0.28 3.63
C GLY A 3 5.22 1.61 2.88
N PHE A 4 5.29 1.60 1.54
CA PHE A 4 5.01 2.75 0.66
C PHE A 4 3.88 2.45 -0.35
N LEU A 5 3.53 1.17 -0.56
CA LEU A 5 2.29 0.75 -1.24
C LEU A 5 1.02 1.12 -0.44
N ARG A 6 1.20 1.70 0.76
CA ARG A 6 0.27 2.56 1.53
C ARG A 6 -0.49 3.57 0.67
N ARG A 7 0.04 3.92 -0.51
CA ARG A 7 -0.52 4.71 -1.64
C ARG A 7 -1.86 4.17 -2.23
N ILE A 8 -2.71 3.50 -1.45
CA ILE A 8 -3.99 2.86 -1.87
C ILE A 8 -3.72 1.74 -2.91
N ARG A 9 -2.55 1.10 -2.87
CA ARG A 9 -2.16 0.02 -3.79
C ARG A 9 -1.97 -1.33 -3.05
N PRO A 10 -3.00 -1.91 -2.39
CA PRO A 10 -2.87 -3.09 -1.53
C PRO A 10 -2.84 -4.42 -2.32
N LYS A 11 -1.97 -4.52 -3.32
CA LYS A 11 -1.73 -5.74 -4.14
C LYS A 11 -0.77 -6.76 -3.47
N LEU A 12 -0.19 -6.41 -2.31
CA LEU A 12 0.58 -7.29 -1.41
C LEU A 12 -0.01 -7.20 0.01
N LYS A 13 -1.33 -7.42 0.12
CA LYS A 13 -2.11 -7.37 1.36
C LYS A 13 -2.35 -8.76 1.94
N TYR A 1 7.91 -4.41 1.74
CA TYR A 1 6.86 -5.46 1.79
C TYR A 1 5.58 -4.86 2.35
N GLY A 2 4.80 -4.18 1.52
CA GLY A 2 3.63 -3.40 1.95
C GLY A 2 3.97 -2.03 2.54
N GLY A 3 5.08 -1.41 2.13
CA GLY A 3 5.53 -0.09 2.59
C GLY A 3 4.82 1.01 1.82
N PHE A 4 5.49 1.59 0.82
CA PHE A 4 4.95 2.72 0.04
C PHE A 4 3.65 2.40 -0.72
N LEU A 5 3.30 1.11 -0.88
CA LEU A 5 1.97 0.65 -1.31
C LEU A 5 0.82 1.19 -0.43
N ARG A 6 1.11 1.79 0.73
CA ARG A 6 0.20 2.69 1.48
C ARG A 6 -0.44 3.80 0.63
N ARG A 7 0.08 4.09 -0.57
CA ARG A 7 -0.53 4.96 -1.56
C ARG A 7 -1.95 4.51 -1.96
N ILE A 8 -2.24 3.20 -1.88
CA ILE A 8 -3.57 2.58 -1.83
C ILE A 8 -3.44 1.09 -1.49
N ARG A 9 -3.92 0.69 -0.31
CA ARG A 9 -4.10 -0.69 0.14
C ARG A 9 -2.77 -1.49 0.09
N PRO A 10 -1.92 -1.39 1.14
CA PRO A 10 -0.59 -2.01 1.18
C PRO A 10 -0.57 -3.54 1.27
N LYS A 11 -1.70 -4.24 1.27
CA LYS A 11 -1.80 -5.69 1.04
C LYS A 11 -2.91 -6.06 0.03
N LEU A 12 -3.15 -5.16 -0.94
CA LEU A 12 -4.16 -5.21 -2.02
C LEU A 12 -5.59 -4.83 -1.57
N LYS A 13 -5.94 -5.10 -0.31
CA LYS A 13 -7.22 -4.76 0.35
C LYS A 13 -7.03 -4.48 1.83
N TYR A 1 9.21 -2.65 -0.83
CA TYR A 1 8.25 -3.32 0.07
C TYR A 1 8.60 -3.00 1.52
N GLY A 2 8.29 -1.78 1.96
CA GLY A 2 8.72 -1.20 3.24
C GLY A 2 7.85 -0.07 3.80
N GLY A 3 6.62 0.11 3.30
CA GLY A 3 5.64 1.06 3.86
C GLY A 3 5.13 2.15 2.91
N PHE A 4 5.65 2.29 1.69
CA PHE A 4 5.16 3.27 0.68
C PHE A 4 4.19 2.64 -0.35
N LEU A 5 3.97 1.32 -0.30
CA LEU A 5 2.87 0.67 -1.01
C LEU A 5 1.48 1.03 -0.43
N ARG A 6 1.44 1.75 0.69
CA ARG A 6 0.27 2.39 1.31
C ARG A 6 -0.48 3.42 0.45
N ARG A 7 -0.11 3.62 -0.82
CA ARG A 7 -0.71 4.61 -1.73
C ARG A 7 -2.10 4.23 -2.31
N ILE A 8 -2.98 3.65 -1.48
CA ILE A 8 -4.36 3.22 -1.80
C ILE A 8 -4.48 2.33 -3.04
N ARG A 9 -4.03 1.08 -2.91
CA ARG A 9 -4.24 -0.09 -3.79
C ARG A 9 -3.35 -0.07 -5.06
N PRO A 10 -2.01 -0.20 -4.95
CA PRO A 10 -1.08 -0.19 -6.07
C PRO A 10 -0.95 -1.55 -6.80
N LYS A 11 -1.79 -2.55 -6.47
CA LYS A 11 -1.80 -3.87 -7.14
C LYS A 11 -3.20 -4.19 -7.73
N LEU A 12 -4.00 -3.16 -8.05
CA LEU A 12 -5.43 -3.33 -8.39
C LEU A 12 -5.69 -3.79 -9.84
N LYS A 13 -4.69 -3.78 -10.71
CA LYS A 13 -4.80 -4.21 -12.12
C LYS A 13 -3.56 -4.96 -12.62
N TYR A 1 10.43 -0.03 2.24
CA TYR A 1 10.37 -1.49 2.06
C TYR A 1 9.04 -2.00 2.61
N GLY A 2 7.97 -1.91 1.80
CA GLY A 2 6.61 -2.32 2.19
C GLY A 2 5.84 -1.23 2.94
N GLY A 3 6.06 0.05 2.62
CA GLY A 3 5.45 1.20 3.29
C GLY A 3 4.77 2.20 2.37
N PHE A 4 5.39 2.58 1.25
CA PHE A 4 4.82 3.48 0.24
C PHE A 4 3.76 2.80 -0.64
N LEU A 5 3.64 1.47 -0.56
CA LEU A 5 2.53 0.69 -1.10
C LEU A 5 1.19 1.00 -0.42
N ARG A 6 1.19 1.79 0.67
CA ARG A 6 0.01 2.44 1.26
C ARG A 6 -0.61 3.55 0.39
N ARG A 7 -0.07 3.82 -0.82
CA ARG A 7 -0.58 4.83 -1.78
C ARG A 7 -2.11 4.75 -1.97
N ILE A 8 -2.65 3.54 -2.11
CA ILE A 8 -3.90 2.93 -1.60
C ILE A 8 -4.36 1.77 -2.49
N ARG A 9 -4.43 0.57 -1.92
CA ARG A 9 -4.95 -0.68 -2.48
C ARG A 9 -3.98 -1.30 -3.52
N PRO A 10 -2.77 -1.74 -3.14
CA PRO A 10 -1.76 -2.28 -4.06
C PRO A 10 -2.18 -3.67 -4.54
N LYS A 11 -2.74 -3.76 -5.75
CA LYS A 11 -3.32 -4.99 -6.36
C LYS A 11 -4.49 -5.59 -5.56
N LEU A 12 -5.00 -4.85 -4.58
CA LEU A 12 -6.08 -5.20 -3.66
C LEU A 12 -7.32 -4.33 -3.93
N LYS A 13 -7.58 -4.03 -5.21
CA LYS A 13 -8.61 -3.11 -5.70
C LYS A 13 -9.46 -3.75 -6.78
N TYR A 1 7.15 -5.19 1.19
CA TYR A 1 5.84 -5.83 1.44
C TYR A 1 4.84 -4.83 2.03
N GLY A 2 4.04 -4.16 1.20
CA GLY A 2 2.87 -3.38 1.63
C GLY A 2 3.13 -2.06 2.36
N GLY A 3 4.39 -1.71 2.65
CA GLY A 3 4.74 -0.59 3.54
C GLY A 3 4.82 0.76 2.82
N PHE A 4 5.53 0.82 1.69
CA PHE A 4 5.51 1.98 0.78
C PHE A 4 4.25 1.98 -0.10
N LEU A 5 3.69 0.79 -0.37
CA LEU A 5 2.46 0.61 -1.15
C LEU A 5 1.19 1.15 -0.47
N ARG A 6 1.30 1.76 0.71
CA ARG A 6 0.24 2.56 1.38
C ARG A 6 -0.13 3.86 0.63
N ARG A 7 -0.09 3.81 -0.71
CA ARG A 7 -0.62 4.82 -1.62
C ARG A 7 -2.07 4.54 -2.07
N ILE A 8 -2.61 3.35 -1.79
CA ILE A 8 -4.02 2.89 -1.82
C ILE A 8 -4.10 1.38 -1.53
N ARG A 9 -4.87 0.97 -0.52
CA ARG A 9 -5.32 -0.41 -0.21
C ARG A 9 -4.37 -1.59 -0.58
N PRO A 10 -3.07 -1.58 -0.21
CA PRO A 10 -2.11 -2.60 -0.66
C PRO A 10 -2.46 -3.98 -0.12
N LYS A 11 -2.93 -4.87 -1.00
CA LYS A 11 -3.37 -6.25 -0.68
C LYS A 11 -4.51 -6.27 0.36
N LEU A 12 -5.41 -5.28 0.30
CA LEU A 12 -6.51 -5.05 1.25
C LEU A 12 -7.88 -5.00 0.56
N LYS A 13 -8.06 -5.80 -0.50
CA LYS A 13 -9.35 -6.12 -1.12
C LYS A 13 -9.42 -7.57 -1.60
N TYR A 1 7.13 -5.26 3.82
CA TYR A 1 6.58 -3.91 4.06
C TYR A 1 7.47 -2.86 3.43
N GLY A 2 6.99 -2.19 2.38
CA GLY A 2 7.69 -1.08 1.71
C GLY A 2 7.25 0.31 2.16
N GLY A 3 6.15 0.44 2.91
CA GLY A 3 5.68 1.69 3.52
C GLY A 3 4.94 2.59 2.52
N PHE A 4 5.66 3.11 1.52
CA PHE A 4 5.08 3.91 0.43
C PHE A 4 4.16 3.09 -0.51
N LEU A 5 4.05 1.78 -0.27
CA LEU A 5 3.10 0.89 -0.94
C LEU A 5 1.67 1.04 -0.38
N ARG A 6 1.48 1.77 0.73
CA ARG A 6 0.16 2.19 1.26
C ARG A 6 -0.54 3.28 0.42
N ARG A 7 -0.25 3.33 -0.88
CA ARG A 7 -0.69 4.30 -1.88
C ARG A 7 -2.14 4.07 -2.37
N ILE A 8 -3.07 3.83 -1.44
CA ILE A 8 -4.51 3.51 -1.67
C ILE A 8 -4.75 2.37 -2.67
N ARG A 9 -4.64 1.13 -2.16
CA ARG A 9 -5.08 -0.14 -2.75
C ARG A 9 -4.05 -0.74 -3.74
N PRO A 10 -2.89 -1.23 -3.25
CA PRO A 10 -1.80 -1.78 -4.07
C PRO A 10 -2.09 -3.14 -4.72
N LYS A 11 -3.32 -3.66 -4.63
CA LYS A 11 -3.83 -4.80 -5.40
C LYS A 11 -5.30 -4.60 -5.85
N LEU A 12 -5.69 -3.37 -6.19
CA LEU A 12 -6.98 -3.05 -6.81
C LEU A 12 -7.22 -3.77 -8.15
N LYS A 13 -6.15 -4.14 -8.87
CA LYS A 13 -6.20 -4.86 -10.17
C LYS A 13 -5.46 -6.20 -10.13
N TYR A 1 5.19 -5.78 3.68
CA TYR A 1 4.94 -4.50 4.40
C TYR A 1 6.02 -3.49 4.00
N GLY A 2 6.13 -3.15 2.71
CA GLY A 2 7.22 -2.32 2.16
C GLY A 2 7.21 -0.86 2.62
N GLY A 3 6.07 -0.32 3.03
CA GLY A 3 5.92 0.97 3.71
C GLY A 3 5.36 2.12 2.87
N PHE A 4 5.19 1.95 1.55
CA PHE A 4 4.69 3.00 0.65
C PHE A 4 3.69 2.50 -0.41
N LEU A 5 3.46 1.18 -0.54
CA LEU A 5 2.25 0.66 -1.21
C LEU A 5 0.94 1.12 -0.52
N ARG A 6 1.05 1.72 0.68
CA ARG A 6 0.05 2.58 1.35
C ARG A 6 -0.55 3.70 0.50
N ARG A 7 0.04 4.04 -0.66
CA ARG A 7 -0.56 4.91 -1.67
C ARG A 7 -1.93 4.40 -2.17
N ILE A 8 -2.28 3.14 -1.92
CA ILE A 8 -3.68 2.74 -1.68
C ILE A 8 -3.84 2.26 -0.23
N ARG A 9 -4.75 2.89 0.50
CA ARG A 9 -5.20 2.59 1.87
C ARG A 9 -4.16 3.04 2.92
N PRO A 10 -4.10 4.33 3.31
CA PRO A 10 -3.11 4.88 4.23
C PRO A 10 -3.34 4.51 5.72
N LYS A 11 -3.91 3.33 6.01
CA LYS A 11 -4.23 2.82 7.36
C LYS A 11 -5.23 3.70 8.16
N LEU A 12 -5.82 4.70 7.52
CA LEU A 12 -6.61 5.77 8.12
C LEU A 12 -7.60 6.34 7.08
N LYS A 13 -8.26 5.42 6.38
CA LYS A 13 -9.22 5.64 5.28
C LYS A 13 -10.01 4.37 5.03
N TYR A 1 9.42 -1.64 3.12
CA TYR A 1 8.69 -2.84 2.69
C TYR A 1 7.25 -2.76 3.18
N GLY A 2 6.30 -2.38 2.32
CA GLY A 2 4.87 -2.28 2.66
C GLY A 2 4.48 -1.04 3.48
N GLY A 3 5.31 0.01 3.49
CA GLY A 3 5.09 1.27 4.21
C GLY A 3 4.54 2.35 3.27
N PHE A 4 5.39 2.89 2.40
CA PHE A 4 4.98 3.83 1.35
C PHE A 4 4.08 3.15 0.29
N LEU A 5 4.23 1.82 0.11
CA LEU A 5 3.35 1.02 -0.76
C LEU A 5 1.87 1.03 -0.36
N ARG A 6 1.50 1.58 0.80
CA ARG A 6 0.11 1.99 1.11
C ARG A 6 -0.27 3.24 0.29
N ARG A 7 -0.50 3.03 -1.02
CA ARG A 7 -0.78 4.07 -2.02
C ARG A 7 -2.27 4.38 -2.18
N ILE A 8 -3.16 3.71 -1.43
CA ILE A 8 -4.63 3.80 -1.54
C ILE A 8 -5.11 3.21 -2.89
N ARG A 9 -4.39 2.18 -3.37
CA ARG A 9 -4.59 1.42 -4.62
C ARG A 9 -4.84 -0.05 -4.27
N PRO A 10 -6.09 -0.45 -3.96
CA PRO A 10 -6.46 -1.80 -3.53
C PRO A 10 -6.62 -2.76 -4.71
N LYS A 11 -5.74 -2.66 -5.73
CA LYS A 11 -5.75 -3.47 -6.96
C LYS A 11 -7.01 -3.26 -7.82
N LEU A 12 -7.74 -2.17 -7.58
CA LEU A 12 -8.99 -1.75 -8.25
C LEU A 12 -8.93 -0.27 -8.71
N LYS A 13 -7.75 0.35 -8.64
CA LYS A 13 -7.47 1.75 -9.01
C LYS A 13 -6.35 1.84 -10.05
#